data_6QGV
#
_entry.id   6QGV
#
_cell.length_a   120.065
_cell.length_b   120.065
_cell.length_c   86.563
_cell.angle_alpha   90.00
_cell.angle_beta   90.00
_cell.angle_gamma   120.00
#
_symmetry.space_group_name_H-M   'H 3 2'
#
loop_
_entity.id
_entity.type
_entity.pdbx_description
1 polymer 'Egl nine homolog 1'
2 non-polymer 'MANGANESE (II) ION'
3 non-polymer 8-[(3-methylpyridin-2-yl)methyl]-3-(4-phenylphenyl)-1-pyrimidin-2-yl-1,3,8-triazaspiro[4.5]decane-2,4-dione
4 non-polymer GLYCEROL
5 non-polymer 'ISOPROPYL ALCOHOL'
6 non-polymer 'SULFATE ION'
7 water water
#
_entity_poly.entity_id   1
_entity_poly.type   'polypeptide(L)'
_entity_poly.pdbx_seq_one_letter_code
;GSHMASPNGQTKPLPALKLALEYIVPCMNKHGICVVDDFLGKETGQQIGDEVRALHDTGKFTDGQLVSQKSDSSKDIRGD
KITWIEGKEPGCETIGLLMSSMDDLIRHCNGKLGSYKINGRTKAMVACYPGNGTGYVRHVDNPNGDGRCVTCIYYLNKDW
DAKVSGGILRIFPEGKAQFADIEPKFDRLLFFWSDRRNPHEVQPAYATRYAITVWYFDADERARAKVKYLTGE
;
_entity_poly.pdbx_strand_id   A
#
loop_
_chem_comp.id
_chem_comp.type
_chem_comp.name
_chem_comp.formula
GOL non-polymer GLYCEROL 'C3 H8 O3'
IPA non-polymer 'ISOPROPYL ALCOHOL' 'C3 H8 O'
J2H non-polymer 8-[(3-methylpyridin-2-yl)methyl]-3-(4-phenylphenyl)-1-pyrimidin-2-yl-1,3,8-triazaspiro[4.5]decane-2,4-dione 'C30 H28 N6 O2'
MN non-polymer 'MANGANESE (II) ION' 'Mn 2'
SO4 non-polymer 'SULFATE ION' 'O4 S -2'
#
# COMPACT_ATOMS: atom_id res chain seq x y z
N LEU A 14 -16.72 11.08 0.53
CA LEU A 14 -16.13 11.99 -0.44
C LEU A 14 -15.94 11.34 -1.81
N PRO A 15 -16.32 12.05 -2.88
CA PRO A 15 -16.06 11.55 -4.24
C PRO A 15 -14.57 11.59 -4.53
N ALA A 16 -14.16 10.81 -5.55
CA ALA A 16 -12.74 10.56 -5.79
C ALA A 16 -11.97 11.85 -6.02
N LEU A 17 -12.51 12.76 -6.83
CA LEU A 17 -11.82 14.03 -7.03
C LEU A 17 -11.68 14.79 -5.72
N LYS A 18 -12.79 14.93 -4.98
CA LYS A 18 -12.72 15.59 -3.68
C LYS A 18 -11.90 14.79 -2.67
N LEU A 19 -12.00 13.46 -2.70
CA LEU A 19 -11.18 12.65 -1.80
C LEU A 19 -9.70 12.89 -2.05
N ALA A 20 -9.30 12.91 -3.32
CA ALA A 20 -7.90 13.14 -3.66
C ALA A 20 -7.48 14.55 -3.26
N LEU A 21 -8.18 15.56 -3.79
CA LEU A 21 -7.70 16.93 -3.69
C LEU A 21 -7.93 17.53 -2.31
N GLU A 22 -8.98 17.13 -1.62
CA GLU A 22 -9.34 17.72 -0.34
C GLU A 22 -8.87 16.91 0.86
N TYR A 23 -8.44 15.66 0.67
CA TYR A 23 -8.04 14.82 1.80
C TYR A 23 -6.67 14.18 1.59
N ILE A 24 -6.50 13.37 0.55
CA ILE A 24 -5.24 12.64 0.39
CA ILE A 24 -5.25 12.63 0.35
C ILE A 24 -4.08 13.58 0.16
N VAL A 25 -4.25 14.57 -0.72
CA VAL A 25 -3.14 15.50 -1.03
C VAL A 25 -2.71 16.27 0.20
N PRO A 26 -3.59 17.04 0.82
CA PRO A 26 -3.15 17.75 2.03
C PRO A 26 -2.63 16.85 3.14
N CYS A 27 -3.23 15.66 3.30
CA CYS A 27 -2.80 14.80 4.38
C CYS A 27 -1.42 14.23 4.11
N MET A 28 -1.16 13.80 2.87
CA MET A 28 0.18 13.31 2.54
C MET A 28 1.22 14.42 2.67
N ASN A 29 0.88 15.62 2.20
CA ASN A 29 1.88 16.69 2.25
C ASN A 29 2.15 17.09 3.69
N LYS A 30 1.14 17.05 4.57
CA LYS A 30 1.35 17.48 5.95
C LYS A 30 1.97 16.38 6.80
N HIS A 31 1.56 15.11 6.61
CA HIS A 31 1.93 14.04 7.52
C HIS A 31 2.68 12.88 6.88
N GLY A 32 2.65 12.75 5.55
CA GLY A 32 3.34 11.65 4.89
C GLY A 32 2.70 10.29 5.03
N ILE A 33 1.56 10.21 5.69
CA ILE A 33 0.76 9.02 5.92
C ILE A 33 -0.69 9.42 5.78
N CYS A 34 -1.50 8.56 5.16
N CYS A 34 -1.49 8.57 5.16
CA CYS A 34 -2.91 8.88 4.99
CA CYS A 34 -2.91 8.85 4.99
C CYS A 34 -3.72 7.59 4.96
C CYS A 34 -3.71 7.56 4.97
N VAL A 35 -4.78 7.54 5.75
CA VAL A 35 -5.66 6.38 5.87
C VAL A 35 -7.02 6.71 5.28
N VAL A 36 -7.46 5.90 4.31
CA VAL A 36 -8.81 5.99 3.74
C VAL A 36 -9.58 4.73 4.15
N ASP A 37 -10.57 4.85 5.01
CA ASP A 37 -11.38 3.67 5.35
C ASP A 37 -12.55 3.54 4.39
N ASP A 38 -13.05 2.32 4.30
CA ASP A 38 -14.19 2.01 3.43
C ASP A 38 -13.90 2.44 2.00
N PHE A 39 -12.71 2.07 1.51
CA PHE A 39 -12.28 2.52 0.19
C PHE A 39 -13.20 2.06 -0.95
N LEU A 40 -13.48 0.74 -1.06
CA LEU A 40 -14.25 0.21 -2.18
C LEU A 40 -15.65 -0.24 -1.81
N GLY A 41 -15.95 -0.37 -0.52
CA GLY A 41 -17.22 -0.91 -0.07
C GLY A 41 -17.11 -2.39 0.24
N LYS A 42 -18.09 -2.86 1.01
CA LYS A 42 -18.13 -4.21 1.54
C LYS A 42 -18.17 -5.23 0.43
N GLU A 43 -19.01 -5.06 -0.57
CA GLU A 43 -19.17 -6.11 -1.62
C GLU A 43 -17.87 -6.29 -2.40
N THR A 44 -17.24 -5.20 -2.80
CA THR A 44 -16.01 -5.32 -3.56
C THR A 44 -14.90 -5.87 -2.66
N GLY A 45 -14.77 -5.33 -1.44
CA GLY A 45 -13.76 -5.86 -0.50
C GLY A 45 -13.90 -7.36 -0.25
N GLN A 46 -15.12 -7.84 -0.07
CA GLN A 46 -15.27 -9.27 0.20
C GLN A 46 -14.87 -10.11 -1.00
N GLN A 47 -15.18 -9.63 -2.21
N GLN A 47 -15.18 -9.65 -2.22
CA GLN A 47 -14.78 -10.37 -3.43
CA GLN A 47 -14.76 -10.41 -3.40
C GLN A 47 -13.24 -10.42 -3.51
C GLN A 47 -13.24 -10.43 -3.51
N ILE A 48 -12.58 -9.31 -3.20
CA ILE A 48 -11.11 -9.31 -3.23
C ILE A 48 -10.58 -10.30 -2.21
N GLY A 49 -11.18 -10.32 -1.01
CA GLY A 49 -10.72 -11.26 0.01
C GLY A 49 -10.86 -12.70 -0.45
N ASP A 50 -11.99 -13.03 -1.09
CA ASP A 50 -12.17 -14.37 -1.63
C ASP A 50 -11.12 -14.72 -2.68
N GLU A 51 -10.83 -13.78 -3.57
CA GLU A 51 -9.85 -14.07 -4.61
C GLU A 51 -8.46 -14.30 -4.01
N VAL A 52 -8.09 -13.51 -3.02
CA VAL A 52 -6.77 -13.67 -2.40
C VAL A 52 -6.68 -15.01 -1.69
N ARG A 53 -7.74 -15.40 -0.96
CA ARG A 53 -7.67 -16.68 -0.25
C ARG A 53 -7.59 -17.84 -1.23
N ALA A 54 -8.17 -17.70 -2.42
CA ALA A 54 -8.12 -18.79 -3.39
C ALA A 54 -6.75 -18.94 -4.05
N LEU A 55 -5.87 -17.96 -3.95
CA LEU A 55 -4.59 -18.05 -4.64
C LEU A 55 -3.76 -19.19 -4.08
N HIS A 56 -3.15 -19.96 -4.99
CA HIS A 56 -2.41 -21.17 -4.63
C HIS A 56 -1.23 -21.45 -5.56
N GLY A 79 5.25 -20.28 6.72
CA GLY A 79 6.02 -19.14 6.23
C GLY A 79 5.19 -18.19 5.36
N ASP A 80 5.65 -16.95 5.20
CA ASP A 80 4.84 -15.95 4.50
C ASP A 80 4.75 -16.29 3.02
N LYS A 81 3.56 -16.08 2.44
CA LYS A 81 3.34 -16.35 1.03
C LYS A 81 3.10 -15.03 0.29
N ILE A 82 3.96 -14.76 -0.65
CA ILE A 82 3.90 -13.57 -1.50
C ILE A 82 3.66 -14.00 -2.95
N THR A 83 2.66 -13.40 -3.59
CA THR A 83 2.39 -13.61 -5.01
C THR A 83 2.28 -12.27 -5.71
N TRP A 84 2.99 -12.10 -6.80
CA TRP A 84 2.95 -10.89 -7.61
C TRP A 84 1.91 -10.99 -8.74
N ILE A 85 0.98 -10.04 -8.73
CA ILE A 85 -0.24 -10.09 -9.56
C ILE A 85 -0.30 -8.85 -10.45
N GLU A 86 -0.56 -9.07 -11.77
CA GLU A 86 -0.78 -7.98 -12.69
C GLU A 86 -2.24 -7.56 -12.78
N GLY A 87 -3.17 -8.44 -12.46
CA GLY A 87 -4.59 -8.09 -12.37
C GLY A 87 -5.48 -8.73 -13.41
N LYS A 88 -4.90 -9.44 -14.38
CA LYS A 88 -5.66 -10.12 -15.40
C LYS A 88 -5.62 -11.63 -15.30
N GLU A 89 -5.02 -12.18 -14.28
CA GLU A 89 -4.93 -13.62 -14.12
C GLU A 89 -6.31 -14.20 -13.80
N PRO A 90 -6.53 -15.49 -14.15
CA PRO A 90 -7.80 -16.14 -13.77
C PRO A 90 -8.04 -16.03 -12.29
N GLY A 91 -9.28 -15.65 -11.92
CA GLY A 91 -9.66 -15.49 -10.53
C GLY A 91 -9.10 -14.27 -9.83
N CYS A 92 -8.49 -13.34 -10.57
CA CYS A 92 -7.97 -12.11 -9.98
C CYS A 92 -8.64 -10.86 -10.54
N GLU A 93 -9.81 -10.97 -11.16
CA GLU A 93 -10.41 -9.78 -11.75
C GLU A 93 -10.67 -8.65 -10.76
N THR A 94 -11.15 -8.98 -9.56
CA THR A 94 -11.46 -7.92 -8.59
C THR A 94 -10.19 -7.33 -7.95
N ILE A 95 -9.12 -8.10 -7.89
CA ILE A 95 -7.81 -7.55 -7.56
C ILE A 95 -7.39 -6.53 -8.62
N GLY A 96 -7.62 -6.84 -9.89
CA GLY A 96 -7.38 -5.87 -10.94
C GLY A 96 -8.21 -4.62 -10.79
N LEU A 97 -9.46 -4.77 -10.39
CA LEU A 97 -10.33 -3.62 -10.15
C LEU A 97 -9.79 -2.73 -9.02
N LEU A 98 -9.33 -3.34 -7.94
CA LEU A 98 -8.66 -2.58 -6.88
C LEU A 98 -7.49 -1.78 -7.43
N MET A 99 -6.64 -2.42 -8.23
CA MET A 99 -5.48 -1.74 -8.80
C MET A 99 -5.87 -0.56 -9.67
N SER A 100 -6.84 -0.77 -10.57
N SER A 100 -6.84 -0.75 -10.56
CA SER A 100 -7.34 0.31 -11.42
CA SER A 100 -7.26 0.37 -11.40
C SER A 100 -7.92 1.43 -10.57
C SER A 100 -7.92 1.46 -10.56
N SER A 101 -8.57 1.08 -9.45
CA SER A 101 -9.18 2.11 -8.61
C SER A 101 -8.12 2.95 -7.88
N MET A 102 -7.07 2.30 -7.42
CA MET A 102 -5.94 2.99 -6.76
C MET A 102 -5.28 3.90 -7.79
N ASP A 103 -5.14 3.42 -9.03
CA ASP A 103 -4.56 4.23 -10.11
C ASP A 103 -5.38 5.47 -10.36
N ASP A 104 -6.70 5.32 -10.46
N ASP A 104 -6.71 5.32 -10.47
CA ASP A 104 -7.54 6.51 -10.69
CA ASP A 104 -7.59 6.47 -10.70
C ASP A 104 -7.41 7.50 -9.55
C ASP A 104 -7.48 7.49 -9.56
N LEU A 105 -7.40 7.02 -8.32
CA LEU A 105 -7.27 7.94 -7.19
C LEU A 105 -5.97 8.73 -7.30
N ILE A 106 -4.86 8.06 -7.63
CA ILE A 106 -3.58 8.75 -7.78
C ILE A 106 -3.63 9.73 -8.92
N ARG A 107 -4.26 9.35 -10.03
N ARG A 107 -4.26 9.35 -10.03
CA ARG A 107 -4.39 10.29 -11.15
CA ARG A 107 -4.37 10.29 -11.15
C ARG A 107 -5.10 11.55 -10.69
C ARG A 107 -5.12 11.55 -10.72
N HIS A 108 -6.15 11.40 -9.90
CA HIS A 108 -6.92 12.57 -9.46
C HIS A 108 -6.12 13.50 -8.56
N CYS A 109 -4.97 13.08 -8.08
CA CYS A 109 -4.13 13.97 -7.28
C CYS A 109 -3.39 14.98 -8.14
N ASN A 110 -3.48 14.88 -9.47
CA ASN A 110 -3.08 15.94 -10.38
C ASN A 110 -1.68 16.49 -10.10
N GLY A 111 -0.74 15.57 -9.87
CA GLY A 111 0.63 15.98 -9.65
C GLY A 111 0.88 16.81 -8.41
N LYS A 112 -0.07 16.84 -7.48
CA LYS A 112 0.06 17.61 -6.25
C LYS A 112 0.64 16.80 -5.09
N LEU A 113 0.98 15.53 -5.26
CA LEU A 113 1.58 14.77 -4.17
C LEU A 113 3.08 15.06 -4.10
N GLY A 114 3.49 15.81 -3.09
CA GLY A 114 4.88 16.25 -3.08
C GLY A 114 5.23 16.85 -4.42
N SER A 115 6.50 16.73 -4.80
CA SER A 115 6.94 17.24 -6.09
C SER A 115 6.91 16.17 -7.18
N TYR A 116 6.18 15.07 -6.97
CA TYR A 116 6.36 13.89 -7.79
C TYR A 116 5.52 13.93 -9.06
N LYS A 117 6.06 13.45 -10.15
CA LYS A 117 5.30 13.21 -11.35
C LYS A 117 5.13 11.69 -11.43
N ILE A 118 3.94 11.19 -11.09
CA ILE A 118 3.69 9.77 -11.02
C ILE A 118 3.22 9.30 -12.38
N ASN A 119 3.91 8.32 -12.96
CA ASN A 119 3.56 7.88 -14.30
C ASN A 119 3.37 6.37 -14.40
N GLY A 120 3.40 5.66 -13.30
CA GLY A 120 3.31 4.22 -13.35
C GLY A 120 3.47 3.64 -11.96
N ARG A 121 3.38 2.33 -11.86
CA ARG A 121 3.50 1.61 -10.57
C ARG A 121 3.95 0.17 -10.81
N THR A 122 4.32 -0.48 -9.73
CA THR A 122 4.64 -1.89 -9.70
C THR A 122 3.39 -2.75 -9.95
N LYS A 123 3.62 -4.06 -10.10
CA LYS A 123 2.58 -5.06 -9.92
C LYS A 123 2.15 -5.05 -8.44
N ALA A 124 1.07 -5.78 -8.15
CA ALA A 124 0.59 -5.92 -6.78
C ALA A 124 1.27 -7.06 -6.05
N MET A 125 1.76 -6.80 -4.84
CA MET A 125 2.29 -7.80 -3.94
C MET A 125 1.13 -8.26 -3.08
N VAL A 126 0.62 -9.46 -3.37
CA VAL A 126 -0.49 -10.06 -2.66
C VAL A 126 0.12 -10.96 -1.59
N ALA A 127 -0.14 -10.64 -0.35
CA ALA A 127 0.52 -11.30 0.76
C ALA A 127 -0.40 -11.98 1.75
N CYS A 128 -0.05 -13.21 2.08
N CYS A 128 -0.05 -13.20 2.10
CA CYS A 128 -0.73 -14.02 3.10
CA CYS A 128 -0.76 -14.00 3.09
C CYS A 128 0.31 -14.26 4.18
C CYS A 128 0.26 -14.30 4.18
N TYR A 129 0.10 -13.64 5.32
CA TYR A 129 1.04 -13.74 6.43
C TYR A 129 0.49 -14.68 7.49
N PRO A 130 1.10 -15.86 7.69
CA PRO A 130 0.61 -16.76 8.73
C PRO A 130 0.76 -16.13 10.11
N GLY A 131 -0.16 -16.51 10.99
CA GLY A 131 -0.11 -16.10 12.37
C GLY A 131 0.84 -16.99 13.13
N ASN A 132 2.15 -16.87 12.82
CA ASN A 132 3.13 -17.77 13.42
C ASN A 132 4.11 -17.03 14.33
N GLY A 133 3.71 -15.85 14.80
CA GLY A 133 4.56 -15.11 15.72
C GLY A 133 5.83 -14.52 15.12
N THR A 134 5.91 -14.36 13.80
CA THR A 134 7.04 -13.65 13.21
C THR A 134 6.60 -12.27 12.77
N GLY A 135 7.55 -11.30 12.83
CA GLY A 135 7.30 -9.96 12.35
C GLY A 135 8.38 -9.50 11.41
N TYR A 136 8.27 -8.25 10.99
CA TYR A 136 9.27 -7.61 10.13
C TYR A 136 9.95 -6.47 10.83
N VAL A 137 11.28 -6.51 10.85
CA VAL A 137 12.11 -5.50 11.55
C VAL A 137 11.93 -4.14 10.89
N ARG A 138 12.18 -3.10 11.68
N ARG A 138 12.18 -3.10 11.68
CA ARG A 138 12.02 -1.71 11.18
CA ARG A 138 12.02 -1.71 11.18
C ARG A 138 12.83 -1.57 9.90
C ARG A 138 12.83 -1.58 9.89
N HIS A 139 12.24 -0.96 8.87
CA HIS A 139 12.88 -0.82 7.60
C HIS A 139 12.25 0.33 6.82
N VAL A 140 12.96 0.76 5.79
CA VAL A 140 12.47 1.72 4.81
C VAL A 140 12.25 0.97 3.49
N ASP A 141 11.09 1.19 2.84
CA ASP A 141 10.82 0.40 1.62
C ASP A 141 11.82 0.75 0.51
N ASN A 142 12.03 2.06 0.22
CA ASN A 142 12.92 2.51 -0.83
C ASN A 142 13.95 3.50 -0.29
N PRO A 143 15.07 3.00 0.25
CA PRO A 143 16.03 3.89 0.92
C PRO A 143 17.07 4.50 -0.01
N ASN A 144 17.10 4.15 -1.29
CA ASN A 144 18.24 4.44 -2.15
C ASN A 144 17.83 4.73 -3.61
N GLY A 145 16.66 5.34 -3.81
CA GLY A 145 16.34 5.91 -5.12
C GLY A 145 15.96 4.95 -6.22
N ASP A 146 15.19 3.90 -5.90
CA ASP A 146 14.85 2.86 -6.90
C ASP A 146 13.65 3.27 -7.76
N GLY A 147 13.03 4.43 -7.50
CA GLY A 147 11.91 4.91 -8.31
C GLY A 147 10.61 5.03 -7.54
N ARG A 148 10.45 4.28 -6.47
CA ARG A 148 9.17 4.20 -5.73
C ARG A 148 9.02 5.38 -4.78
N CYS A 149 7.93 6.11 -4.94
CA CYS A 149 7.68 7.27 -4.10
C CYS A 149 6.51 7.10 -3.12
N VAL A 150 5.47 6.33 -3.45
CA VAL A 150 4.33 6.11 -2.57
C VAL A 150 4.03 4.61 -2.43
N THR A 151 3.93 4.14 -1.18
CA THR A 151 3.44 2.79 -0.86
C THR A 151 1.95 2.87 -0.59
N CYS A 152 1.19 1.99 -1.22
CA CYS A 152 -0.25 1.89 -1.03
CA CYS A 152 -0.24 1.89 -1.01
C CYS A 152 -0.59 0.47 -0.59
N ILE A 153 -1.15 0.32 0.59
CA ILE A 153 -1.52 -1.01 1.13
C ILE A 153 -3.04 -1.08 1.31
N TYR A 154 -3.64 -2.14 0.81
CA TYR A 154 -5.08 -2.39 0.96
C TYR A 154 -5.28 -3.63 1.83
N TYR A 155 -6.02 -3.49 2.92
CA TYR A 155 -6.18 -4.57 3.89
C TYR A 155 -7.53 -5.28 3.77
N LEU A 156 -7.54 -6.57 4.14
CA LEU A 156 -8.65 -7.46 3.86
C LEU A 156 -9.20 -8.13 5.10
N ASN A 157 -8.75 -7.76 6.30
CA ASN A 157 -9.06 -8.53 7.52
C ASN A 157 -10.31 -8.00 8.22
N LYS A 158 -11.40 -8.78 8.17
CA LYS A 158 -12.64 -8.39 8.82
C LYS A 158 -12.57 -8.73 10.29
N ASP A 159 -13.13 -7.83 11.11
CA ASP A 159 -13.11 -7.97 12.56
C ASP A 159 -11.72 -8.41 13.02
N TRP A 160 -10.71 -7.61 12.68
CA TRP A 160 -9.36 -7.89 13.10
C TRP A 160 -9.06 -7.11 14.38
N ASP A 161 -8.89 -7.83 15.50
CA ASP A 161 -8.60 -7.23 16.80
C ASP A 161 -7.10 -7.30 17.03
N ALA A 162 -6.43 -6.16 16.97
CA ALA A 162 -4.98 -6.11 17.14
C ALA A 162 -4.57 -6.59 18.51
N LYS A 163 -5.38 -6.31 19.53
CA LYS A 163 -5.06 -6.71 20.90
C LYS A 163 -5.15 -8.22 21.08
N VAL A 164 -5.82 -8.92 20.18
CA VAL A 164 -5.88 -10.37 20.21
C VAL A 164 -4.95 -10.99 19.18
N SER A 165 -5.05 -10.52 17.93
CA SER A 165 -4.42 -11.21 16.83
C SER A 165 -3.14 -10.57 16.34
N GLY A 166 -2.82 -9.36 16.81
CA GLY A 166 -1.59 -8.65 16.45
C GLY A 166 -1.55 -8.12 15.02
N GLY A 167 -0.34 -8.13 14.44
CA GLY A 167 -0.22 -7.74 13.04
C GLY A 167 -0.25 -6.24 12.77
N ILE A 168 -0.16 -5.42 13.81
CA ILE A 168 -0.13 -3.97 13.65
C ILE A 168 1.09 -3.53 12.82
N LEU A 169 0.89 -2.48 12.02
CA LEU A 169 1.98 -1.80 11.29
C LEU A 169 2.31 -0.55 12.11
N ARG A 170 3.57 -0.41 12.54
CA ARG A 170 4.02 0.74 13.31
C ARG A 170 4.90 1.60 12.40
N ILE A 171 4.49 2.85 12.17
CA ILE A 171 5.23 3.78 11.32
C ILE A 171 5.82 4.88 12.19
N PHE A 172 7.09 5.23 11.91
CA PHE A 172 7.89 6.19 12.68
C PHE A 172 8.22 7.37 11.76
N PRO A 173 7.28 8.30 11.52
CA PRO A 173 7.62 9.41 10.62
C PRO A 173 8.91 10.12 11.07
N GLU A 174 9.76 10.42 10.09
CA GLU A 174 11.10 10.88 10.38
C GLU A 174 11.10 12.21 11.11
N GLY A 175 11.81 12.25 12.23
CA GLY A 175 11.99 13.47 13.01
C GLY A 175 10.84 13.86 13.90
N LYS A 176 9.78 13.07 13.93
CA LYS A 176 8.60 13.43 14.72
C LYS A 176 8.69 12.81 16.11
N ALA A 177 7.99 13.41 17.09
CA ALA A 177 8.01 12.88 18.44
C ALA A 177 7.04 11.73 18.62
N GLN A 178 6.13 11.54 17.68
CA GLN A 178 5.11 10.48 17.82
C GLN A 178 5.25 9.44 16.72
N PHE A 179 4.70 8.27 16.99
CA PHE A 179 4.61 7.22 15.96
C PHE A 179 3.17 6.77 15.91
N ALA A 180 2.84 6.04 14.85
CA ALA A 180 1.47 5.61 14.59
C ALA A 180 1.38 4.12 14.41
N ASP A 181 0.44 3.50 15.10
CA ASP A 181 0.10 2.11 14.89
C ASP A 181 -1.15 2.07 14.01
N ILE A 182 -1.05 1.36 12.88
CA ILE A 182 -2.14 1.23 11.87
C ILE A 182 -2.71 -0.16 11.95
N GLU A 183 -4.01 -0.28 12.28
CA GLU A 183 -4.73 -1.57 12.37
C GLU A 183 -5.01 -2.03 10.93
N PRO A 184 -4.77 -3.31 10.59
CA PRO A 184 -4.98 -3.80 9.21
C PRO A 184 -6.43 -4.11 8.87
N LYS A 185 -7.27 -3.09 8.96
N LYS A 185 -7.27 -3.09 8.99
CA LYS A 185 -8.75 -3.18 8.88
CA LYS A 185 -8.75 -3.18 8.90
C LYS A 185 -9.27 -3.50 7.48
C LYS A 185 -9.23 -3.53 7.48
N PHE A 186 -10.29 -4.35 7.40
CA PHE A 186 -10.96 -4.63 6.13
C PHE A 186 -11.36 -3.36 5.39
N ASP A 187 -11.04 -3.31 4.10
CA ASP A 187 -11.41 -2.22 3.18
C ASP A 187 -10.72 -0.90 3.52
N ARG A 188 -9.58 -0.99 4.19
CA ARG A 188 -8.78 0.21 4.55
C ARG A 188 -7.63 0.34 3.55
N LEU A 189 -7.50 1.53 2.94
CA LEU A 189 -6.38 1.88 2.06
C LEU A 189 -5.43 2.82 2.83
N LEU A 190 -4.15 2.45 2.90
CA LEU A 190 -3.09 3.23 3.54
C LEU A 190 -2.11 3.72 2.48
N PHE A 191 -1.80 5.00 2.50
CA PHE A 191 -0.72 5.58 1.73
C PHE A 191 0.39 6.07 2.65
N PHE A 192 1.63 5.92 2.21
CA PHE A 192 2.72 6.61 2.89
C PHE A 192 3.92 6.77 1.96
N TRP A 193 4.72 7.81 2.18
CA TRP A 193 5.92 7.97 1.34
C TRP A 193 6.84 6.78 1.57
N SER A 194 7.36 6.22 0.46
CA SER A 194 8.17 5.00 0.49
C SER A 194 9.60 5.21 0.95
N ASP A 195 10.10 6.46 0.95
CA ASP A 195 11.51 6.70 1.25
C ASP A 195 11.76 6.80 2.76
N ARG A 196 12.90 7.36 3.14
CA ARG A 196 13.33 7.39 4.54
C ARG A 196 12.42 8.19 5.46
N ARG A 197 11.48 8.93 4.92
CA ARG A 197 10.53 9.63 5.79
C ARG A 197 9.71 8.66 6.62
N ASN A 198 9.52 7.40 6.18
CA ASN A 198 8.63 6.44 6.88
C ASN A 198 9.26 5.07 7.12
N PRO A 199 10.21 4.98 8.03
CA PRO A 199 10.58 3.66 8.55
C PRO A 199 9.36 3.05 9.23
N HIS A 200 9.24 1.73 9.12
CA HIS A 200 8.09 1.01 9.70
C HIS A 200 8.48 -0.41 10.03
N GLU A 201 7.74 -0.99 10.97
CA GLU A 201 7.92 -2.39 11.40
C GLU A 201 6.54 -3.04 11.49
N VAL A 202 6.52 -4.34 11.41
CA VAL A 202 5.29 -5.12 11.50
C VAL A 202 5.34 -6.04 12.68
N GLN A 203 4.34 -5.93 13.54
N GLN A 203 4.32 -5.94 13.55
CA GLN A 203 4.27 -6.70 14.76
CA GLN A 203 4.20 -6.70 14.77
C GLN A 203 3.78 -8.11 14.43
C GLN A 203 3.79 -8.13 14.41
N PRO A 204 4.18 -9.10 15.22
CA PRO A 204 3.77 -10.47 14.94
C PRO A 204 2.26 -10.64 15.07
N ALA A 205 1.80 -11.68 14.43
CA ALA A 205 0.36 -11.96 14.41
C ALA A 205 0.06 -13.39 14.80
N TYR A 206 -1.16 -13.59 15.27
CA TYR A 206 -1.64 -14.91 15.73
C TYR A 206 -2.83 -15.39 14.90
N ALA A 207 -3.20 -14.66 13.84
CA ALA A 207 -4.19 -15.13 12.89
C ALA A 207 -3.64 -14.77 11.53
N THR A 208 -4.06 -15.48 10.50
CA THR A 208 -3.58 -15.17 9.15
C THR A 208 -4.05 -13.78 8.73
N ARG A 209 -3.12 -13.02 8.17
CA ARG A 209 -3.35 -11.62 7.73
C ARG A 209 -3.25 -11.58 6.21
N TYR A 210 -4.11 -10.82 5.55
CA TYR A 210 -4.01 -10.65 4.10
C TYR A 210 -3.97 -9.18 3.73
N ALA A 211 -3.06 -8.82 2.84
CA ALA A 211 -2.92 -7.43 2.39
C ALA A 211 -2.39 -7.41 0.97
N ILE A 212 -2.69 -6.34 0.26
CA ILE A 212 -2.22 -6.14 -1.09
C ILE A 212 -1.51 -4.78 -1.17
N THR A 213 -0.28 -4.77 -1.69
CA THR A 213 0.54 -3.54 -1.79
C THR A 213 0.91 -3.23 -3.23
N VAL A 214 0.84 -1.97 -3.62
CA VAL A 214 1.46 -1.48 -4.85
C VAL A 214 2.34 -0.29 -4.46
N TRP A 215 3.33 -0.01 -5.28
CA TRP A 215 4.17 1.19 -5.14
C TRP A 215 4.08 2.02 -6.43
N TYR A 216 3.87 3.34 -6.30
CA TYR A 216 3.84 4.24 -7.45
C TYR A 216 5.23 4.84 -7.67
N PHE A 217 5.56 5.03 -8.93
CA PHE A 217 6.88 5.52 -9.34
C PHE A 217 6.88 7.01 -9.60
N ASP A 218 7.95 7.65 -9.21
N ASP A 218 7.95 7.68 -9.18
CA ASP A 218 8.24 9.00 -9.65
CA ASP A 218 8.26 9.02 -9.63
C ASP A 218 8.97 8.94 -10.98
C ASP A 218 8.98 8.93 -10.97
N ALA A 219 8.49 9.69 -11.97
CA ALA A 219 9.02 9.56 -13.32
C ALA A 219 10.52 9.86 -13.36
N ASP A 220 10.94 10.95 -12.71
CA ASP A 220 12.36 11.34 -12.79
C ASP A 220 13.22 10.32 -12.06
N GLU A 221 12.80 9.90 -10.87
N GLU A 221 12.80 9.89 -10.87
CA GLU A 221 13.60 8.95 -10.11
CA GLU A 221 13.61 8.95 -10.11
C GLU A 221 13.73 7.62 -10.85
C GLU A 221 13.73 7.62 -10.86
N ARG A 222 12.61 7.17 -11.42
CA ARG A 222 12.61 5.90 -12.17
C ARG A 222 13.49 6.03 -13.41
N ALA A 223 13.45 7.16 -14.13
CA ALA A 223 14.33 7.34 -15.28
C ALA A 223 15.80 7.29 -14.87
N ARG A 224 16.15 7.91 -13.74
CA ARG A 224 17.54 7.85 -13.25
C ARG A 224 17.97 6.44 -12.90
N ALA A 225 17.03 5.63 -12.37
CA ALA A 225 17.38 4.26 -12.03
C ALA A 225 17.70 3.45 -13.29
N LYS A 226 17.05 3.81 -14.41
CA LYS A 226 17.19 3.03 -15.65
C LYS A 226 18.46 3.33 -16.42
N VAL A 227 19.19 4.39 -16.10
CA VAL A 227 20.46 4.61 -16.81
C VAL A 227 21.58 3.71 -16.31
N LYS A 228 21.31 2.96 -15.25
CA LYS A 228 22.35 2.18 -14.54
C LYS A 228 22.54 0.77 -15.11
N TYR A 229 21.79 0.33 -16.13
CA TYR A 229 21.88 -1.04 -16.65
C TYR A 229 21.31 -1.09 -18.07
N LEU A 230 21.27 -2.29 -18.68
CA LEU A 230 20.75 -2.48 -20.05
C LEU A 230 19.48 -3.34 -20.08
N THR A 231 18.80 -3.31 -21.23
CA THR A 231 17.51 -4.01 -21.37
C THR A 231 17.60 -5.49 -21.02
N GLY A 232 16.62 -5.93 -20.23
CA GLY A 232 16.49 -7.32 -19.87
C GLY A 232 17.33 -7.77 -18.70
N GLU A 233 18.16 -6.89 -18.16
CA GLU A 233 19.04 -7.25 -17.03
C GLU A 233 18.33 -7.04 -15.70
MN MN B . 7.63 -2.11 4.16
C10 J2H C . 10.03 -2.22 -9.19
C11 J2H C . 11.06 -1.30 -9.26
C12 J2H C . 11.83 -1.03 -8.15
C13 J2H C . 11.55 -1.68 -6.96
C14 J2H C . 8.95 -3.41 -5.12
C36 J2H C . 7.35 -4.00 1.91
C37 J2H C . 7.51 -5.17 0.87
C24 J2H C . 8.97 -5.34 0.38
C25 J2H C . 9.94 -5.03 1.54
C16 J2H C . 9.43 -6.46 -1.63
C15 J2H C . 8.70 -3.98 -3.90
C02 J2H C . 9.21 -4.28 -0.59
C04 J2H C . 9.76 -4.40 -3.12
C05 J2H C . 11.04 -4.26 -3.55
C06 J2H C . 11.31 -3.70 -4.77
C07 J2H C . 10.26 -3.28 -5.55
C08 J2H C . 10.53 -2.61 -6.90
C09 J2H C . 9.76 -2.86 -8.01
C18 J2H C . 8.98 -7.85 0.40
C20 J2H C . 9.26 -10.10 0.27
C21 J2H C . 8.78 -10.21 1.53
C22 J2H C . 8.42 -9.12 2.19
C26 J2H C . 9.44 -3.94 2.50
C28 J2H C . 8.00 -4.93 3.84
C29 J2H C . 6.64 -4.72 4.59
C31 J2H C . 5.08 -3.24 5.50
C32 J2H C . 4.24 -4.28 5.81
C33 J2H C . 4.60 -5.54 5.52
C34 J2H C . 5.78 -5.79 4.93
C35 J2H C . 6.15 -7.21 4.60
N03 J2H C . 9.48 -4.98 -1.84
N17 J2H C . 9.11 -6.59 -0.21
N19 J2H C . 9.36 -8.93 -0.28
N23 J2H C . 8.53 -7.95 1.62
N27 J2H C . 8.20 -3.96 2.93
N30 J2H C . 6.26 -3.50 4.91
O01 J2H C . 9.19 -3.16 -0.53
O38 J2H C . 9.61 -7.24 -2.45
H101 J2H C . 9.51 -2.39 -9.95
H111 J2H C . 11.25 -0.87 -10.06
H121 J2H C . 12.52 -0.42 -8.19
H131 J2H C . 12.06 -1.51 -6.21
H141 J2H C . 8.25 -3.11 -5.65
H361 J2H C . 6.43 -4.03 2.23
H362 J2H C . 7.45 -3.17 1.42
H371 J2H C . 6.96 -4.97 0.10
H372 J2H C . 7.21 -5.99 1.28
H252 J2H C . 10.79 -4.75 1.16
H251 J2H C . 10.08 -5.85 2.05
H151 J2H C . 7.82 -4.07 -3.59
H051 J2H C . 11.75 -4.55 -3.01
H061 J2H C . 12.18 -3.59 -5.07
H091 J2H C . 9.06 -3.48 -7.96
H201 J2H C . 9.51 -10.86 -0.20
H211 J2H C . 8.71 -11.06 1.93
H221 J2H C . 8.09 -9.19 3.04
H261 J2H C . 10.03 -3.94 3.26
H262 J2H C . 9.57 -3.09 2.04
H282 J2H C . 8.00 -5.80 3.40
H281 J2H C . 8.71 -4.93 4.51
H311 J2H C . 4.85 -2.37 5.70
H321 J2H C . 3.44 -4.12 6.25
H331 J2H C . 4.04 -6.24 5.75
H352 J2H C . 5.48 -7.81 4.95
H353 J2H C . 7.01 -7.42 5.01
H351 J2H C . 6.23 -7.32 3.64
C1 GOL D . 4.93 14.07 16.36
O1 GOL D . 3.60 13.83 16.07
C2 GOL D . 5.11 15.60 16.54
O2 GOL D . 4.37 16.04 17.62
C3 GOL D . 6.59 15.88 16.55
O3 GOL D . 6.78 17.26 16.56
H11 GOL D . 5.47 13.77 15.75
H12 GOL D . 5.18 13.64 17.17
HO1 GOL D . 3.15 14.35 16.58
H2 GOL D . 4.72 16.05 15.77
HO2 GOL D . 4.85 16.56 18.08
H31 GOL D . 7.03 15.43 15.82
H32 GOL D . 6.95 15.55 17.36
HO3 GOL D . 7.61 17.40 16.57
C1 IPA E . -0.58 4.43 -12.77
C2 IPA E . -0.38 5.87 -12.52
C3 IPA E . -1.56 6.55 -11.97
O2 IPA E . 0.02 6.50 -13.71
H11 IPA E . -0.57 4.26 -13.85
H12 IPA E . -1.53 4.10 -12.36
H13 IPA E . 0.23 3.87 -12.32
H2 IPA E . 0.43 5.98 -11.79
H31 IPA E . -1.64 7.54 -12.40
H32 IPA E . -1.47 6.62 -10.89
H33 IPA E . -2.47 5.98 -12.21
HO2 IPA E . 0.38 7.40 -13.51
S SO4 F . -12.16 -16.51 -14.25
O1 SO4 F . -11.78 -17.71 -13.50
O2 SO4 F . -13.52 -16.11 -13.83
O3 SO4 F . -12.13 -16.72 -15.71
O4 SO4 F . -11.24 -15.39 -13.93
S SO4 G . 1.89 -2.39 21.12
O1 SO4 G . 1.75 -3.82 21.06
O2 SO4 G . 0.70 -1.79 21.62
O3 SO4 G . 2.15 -1.88 19.80
O4 SO4 G . 3.01 -2.07 21.96
#